data_6TIP
#
_entry.id   6TIP
#
_cell.length_a   57.560
_cell.length_b   57.560
_cell.length_c   181.929
_cell.angle_alpha   90.000
_cell.angle_beta   90.000
_cell.angle_gamma   90.000
#
_symmetry.space_group_name_H-M   'P 42 2 2'
#
loop_
_entity.id
_entity.type
_entity.pdbx_description
1 polymer Streptavidin
2 polymer 'Strep-tag II peptide'
3 non-polymer 'AMINO GROUP'
4 water water
#
loop_
_entity_poly.entity_id
_entity_poly.type
_entity_poly.pdbx_seq_one_letter_code
_entity_poly.pdbx_strand_id
1 'polypeptide(L)'
;MEAGITGTWYNQLGSTFIVTAGADGALTGTYVTARGNAESRYVLTGRYDSAPATDGSGTALGWTVAWKNNYRNAHSATTW
SGQYVGGAEARINTQWLLTSGTTEYNAFMSTLVGHDTFTKVKPSAAS
;
A,B
2 'polypeptide(L)' SAWSHPQFEK P,Q
#
loop_
_chem_comp.id
_chem_comp.type
_chem_comp.name
_chem_comp.formula
NH2 non-polymer 'AMINO GROUP' 'H2 N'
#
# COMPACT_ATOMS: atom_id res chain seq x y z
N MET A 1 25.78 -18.17 25.78
CA MET A 1 24.48 -18.80 26.15
C MET A 1 23.49 -17.73 26.63
N GLU A 2 22.28 -17.69 26.05
CA GLU A 2 21.12 -16.95 26.62
C GLU A 2 21.26 -15.45 26.33
N ALA A 3 20.84 -15.01 25.14
CA ALA A 3 20.96 -13.60 24.68
C ALA A 3 19.86 -12.71 25.25
N GLY A 4 18.67 -13.23 25.59
CA GLY A 4 17.48 -12.45 25.99
C GLY A 4 16.86 -11.60 24.87
N ILE A 5 17.37 -11.68 23.63
CA ILE A 5 16.89 -10.85 22.49
C ILE A 5 15.79 -11.59 21.76
N THR A 6 15.84 -12.93 21.76
CA THR A 6 14.86 -13.76 21.03
C THR A 6 13.47 -13.45 21.62
N GLY A 7 12.51 -13.22 20.74
CA GLY A 7 11.11 -13.02 21.14
C GLY A 7 10.51 -11.82 20.47
N THR A 8 9.46 -11.29 21.07
CA THR A 8 8.60 -10.24 20.50
C THR A 8 8.88 -8.93 21.22
N TRP A 9 9.13 -7.87 20.45
CA TRP A 9 9.42 -6.53 21.03
C TRP A 9 8.38 -5.59 20.45
N TYR A 10 7.98 -4.58 21.23
CA TYR A 10 6.98 -3.57 20.81
C TYR A 10 7.62 -2.19 20.92
N ASN A 11 7.47 -1.35 19.90
CA ASN A 11 7.91 0.08 19.99
C ASN A 11 6.79 0.88 20.64
N GLN A 12 6.91 2.20 20.70
CA GLN A 12 5.92 2.96 21.54
C GLN A 12 4.71 3.36 20.67
N LEU A 13 4.74 3.10 19.36
CA LEU A 13 3.74 3.59 18.37
C LEU A 13 2.91 2.46 17.72
N GLY A 14 2.91 1.24 18.27
CA GLY A 14 2.04 0.14 17.80
C GLY A 14 2.80 -0.89 16.93
N SER A 15 4.07 -0.68 16.58
CA SER A 15 4.83 -1.64 15.72
C SER A 15 5.40 -2.82 16.53
N THR A 16 5.61 -3.96 15.84
CA THR A 16 6.06 -5.24 16.47
C THR A 16 7.28 -5.76 15.73
N PHE A 17 8.20 -6.32 16.51
CA PHE A 17 9.54 -6.82 16.11
C PHE A 17 9.61 -8.25 16.67
N ILE A 18 9.55 -9.24 15.78
CA ILE A 18 9.62 -10.69 16.13
C ILE A 18 10.97 -11.21 15.62
N VAL A 19 11.89 -11.57 16.51
CA VAL A 19 13.28 -11.92 16.15
C VAL A 19 13.73 -13.16 16.90
N THR A 20 14.57 -13.93 16.23
CA THR A 20 15.43 -15.02 16.77
C THR A 20 16.90 -14.61 16.63
N ALA A 21 17.60 -14.60 17.77
CA ALA A 21 19.05 -14.37 17.85
C ALA A 21 19.76 -15.71 17.80
N GLY A 22 20.39 -16.10 16.69
CA GLY A 22 21.13 -17.40 16.58
C GLY A 22 22.47 -17.35 17.30
N ALA A 23 22.98 -18.53 17.68
CA ALA A 23 24.20 -18.77 18.46
C ALA A 23 25.36 -17.91 17.91
N ASP A 24 25.29 -17.61 16.62
CA ASP A 24 26.36 -17.20 15.69
C ASP A 24 26.40 -15.66 15.54
N GLY A 25 25.36 -14.95 15.99
CA GLY A 25 25.22 -13.50 15.84
C GLY A 25 24.14 -13.13 14.85
N ALA A 26 23.50 -14.09 14.19
CA ALA A 26 22.40 -13.81 13.24
C ALA A 26 21.18 -13.25 13.98
N LEU A 27 20.55 -12.22 13.41
CA LEU A 27 19.16 -11.83 13.74
C LEU A 27 18.34 -12.17 12.50
N THR A 28 17.21 -12.87 12.68
CA THR A 28 16.21 -13.06 11.62
C THR A 28 14.81 -12.88 12.23
N GLY A 29 13.85 -12.55 11.39
CA GLY A 29 12.46 -12.53 11.83
C GLY A 29 11.62 -11.59 11.02
N THR A 30 10.62 -10.99 11.66
CA THR A 30 9.53 -10.24 10.97
C THR A 30 9.26 -8.93 11.70
N TYR A 31 9.22 -7.82 10.95
CA TYR A 31 8.77 -6.50 11.41
C TYR A 31 7.33 -6.33 10.95
N VAL A 32 6.44 -6.01 11.90
CA VAL A 32 4.99 -5.80 11.65
C VAL A 32 4.69 -4.35 12.05
N THR A 33 4.24 -3.57 11.07
CA THR A 33 3.81 -2.16 11.27
C THR A 33 2.54 -2.13 12.13
N ALA A 34 2.14 -0.94 12.58
CA ALA A 34 1.05 -0.77 13.59
C ALA A 34 -0.29 -1.32 13.07
N ARG A 35 -0.50 -1.30 11.75
CA ARG A 35 -1.74 -1.81 11.10
C ARG A 35 -1.92 -3.30 11.42
N GLY A 36 -0.83 -4.08 11.53
CA GLY A 36 -0.88 -5.43 12.13
C GLY A 36 -1.74 -6.42 11.37
N ASN A 37 -1.77 -6.34 10.04
CA ASN A 37 -2.43 -7.31 9.12
C ASN A 37 -1.33 -8.03 8.29
N ALA A 38 -1.70 -8.80 7.27
CA ALA A 38 -0.71 -9.57 6.43
C ALA A 38 0.19 -8.61 5.65
N GLU A 39 -0.41 -7.53 5.15
CA GLU A 39 0.23 -6.47 4.31
C GLU A 39 1.32 -5.77 5.11
N SER A 40 1.25 -5.85 6.44
CA SER A 40 2.07 -5.03 7.37
C SER A 40 3.34 -5.78 7.78
N ARG A 41 3.56 -6.98 7.23
CA ARG A 41 4.62 -7.91 7.71
C ARG A 41 5.80 -7.82 6.74
N TYR A 42 7.01 -7.61 7.25
CA TYR A 42 8.24 -7.49 6.42
C TYR A 42 9.38 -8.33 7.01
N VAL A 43 10.23 -8.92 6.14
CA VAL A 43 11.41 -9.71 6.58
C VAL A 43 12.35 -8.71 7.23
N LEU A 44 12.98 -9.12 8.33
CA LEU A 44 14.15 -8.43 8.88
C LEU A 44 15.32 -9.39 9.04
N THR A 45 16.51 -8.88 8.73
CA THR A 45 17.80 -9.57 8.98
C THR A 45 18.73 -8.55 9.61
N GLY A 46 19.60 -9.07 10.48
CA GLY A 46 20.65 -8.25 11.10
C GLY A 46 21.68 -9.08 11.80
N ARG A 47 22.39 -8.42 12.67
CA ARG A 47 23.50 -9.05 13.43
C ARG A 47 23.44 -8.54 14.88
N TYR A 48 24.01 -9.29 15.81
CA TYR A 48 24.21 -8.80 17.21
C TYR A 48 25.52 -9.35 17.73
N ASP A 49 26.00 -8.77 18.83
CA ASP A 49 27.21 -9.23 19.54
C ASP A 49 26.81 -10.43 20.38
N SER A 50 27.24 -11.63 19.95
CA SER A 50 26.91 -12.92 20.60
C SER A 50 27.78 -13.13 21.84
N ALA A 51 28.67 -12.20 22.18
CA ALA A 51 29.56 -12.29 23.36
C ALA A 51 29.77 -10.91 23.96
N PRO A 52 28.72 -10.28 24.53
CA PRO A 52 28.83 -8.92 25.04
C PRO A 52 29.75 -8.87 26.26
N ALA A 53 30.25 -7.69 26.61
CA ALA A 53 31.02 -7.44 27.85
C ALA A 53 30.16 -7.82 29.06
N THR A 54 30.78 -8.41 30.08
CA THR A 54 30.10 -8.85 31.33
C THR A 54 29.85 -7.64 32.21
N ASP A 55 30.75 -6.64 32.18
CA ASP A 55 30.56 -5.37 32.92
C ASP A 55 29.45 -4.59 32.25
N GLY A 56 29.42 -4.63 30.90
CA GLY A 56 28.88 -3.60 29.99
C GLY A 56 27.45 -3.20 30.29
N SER A 57 26.95 -2.18 29.59
CA SER A 57 25.54 -1.74 29.70
C SER A 57 24.67 -2.69 28.89
N GLY A 58 25.13 -3.18 27.72
CA GLY A 58 24.24 -3.92 26.80
C GLY A 58 24.89 -4.67 25.65
N THR A 59 24.03 -5.18 24.79
CA THR A 59 24.38 -6.03 23.62
C THR A 59 24.12 -5.20 22.36
N ALA A 60 25.18 -4.83 21.64
CA ALA A 60 25.07 -4.11 20.35
C ALA A 60 24.36 -5.01 19.33
N LEU A 61 23.49 -4.42 18.52
CA LEU A 61 22.82 -5.11 17.40
C LEU A 61 22.40 -4.09 16.35
N GLY A 62 21.99 -4.58 15.21
CA GLY A 62 21.34 -3.79 14.17
C GLY A 62 20.56 -4.72 13.27
N TRP A 63 19.57 -4.17 12.58
CA TRP A 63 18.85 -4.94 11.56
C TRP A 63 18.31 -4.05 10.46
N THR A 64 17.93 -4.68 9.36
CA THR A 64 17.42 -3.96 8.18
C THR A 64 16.07 -4.54 7.82
N VAL A 65 15.15 -3.65 7.46
CA VAL A 65 13.88 -4.03 6.77
C VAL A 65 13.89 -3.29 5.43
N ALA A 66 13.79 -4.01 4.31
CA ALA A 66 13.48 -3.42 2.98
C ALA A 66 11.97 -3.48 2.85
N TRP A 67 11.32 -2.35 2.55
CA TRP A 67 9.87 -2.16 2.75
C TRP A 67 9.11 -2.75 1.55
N LYS A 68 9.41 -3.99 1.23
CA LYS A 68 8.79 -4.74 0.12
C LYS A 68 8.33 -6.08 0.69
N ASN A 69 7.08 -6.44 0.42
CA ASN A 69 6.58 -7.80 0.75
C ASN A 69 5.77 -8.29 -0.44
N ASN A 70 5.07 -9.41 -0.29
CA ASN A 70 4.17 -9.95 -1.33
C ASN A 70 3.06 -8.95 -1.69
N TYR A 71 2.73 -7.98 -0.82
CA TYR A 71 1.53 -7.12 -1.00
C TYR A 71 1.89 -5.73 -1.53
N ARG A 72 3.03 -5.16 -1.16
CA ARG A 72 3.31 -3.74 -1.49
C ARG A 72 4.81 -3.48 -1.43
N ASN A 73 5.26 -2.33 -1.96
CA ASN A 73 6.70 -1.98 -2.10
C ASN A 73 6.84 -0.47 -1.95
N ALA A 74 7.42 0.00 -0.85
CA ALA A 74 7.66 1.43 -0.58
C ALA A 74 9.06 1.84 -1.07
N HIS A 75 9.75 0.98 -1.81
CA HIS A 75 11.04 1.29 -2.46
C HIS A 75 11.96 2.01 -1.48
N SER A 76 12.19 1.37 -0.33
CA SER A 76 12.95 2.01 0.76
C SER A 76 13.39 0.93 1.70
N ALA A 77 14.34 1.30 2.54
CA ALA A 77 14.93 0.42 3.56
C ALA A 77 15.23 1.26 4.81
N THR A 78 14.93 0.69 5.96
CA THR A 78 15.29 1.23 7.28
C THR A 78 16.27 0.30 7.93
N THR A 79 17.26 0.90 8.54
CA THR A 79 18.19 0.23 9.45
C THR A 79 18.04 0.80 10.85
N TRP A 80 17.96 -0.11 11.81
CA TRP A 80 17.97 0.22 13.25
C TRP A 80 19.31 -0.19 13.80
N SER A 81 19.98 0.77 14.46
CA SER A 81 21.24 0.53 15.15
C SER A 81 20.97 0.75 16.65
N GLY A 82 21.32 -0.23 17.49
CA GLY A 82 21.03 -0.07 18.92
C GLY A 82 21.70 -1.04 19.86
N GLN A 83 21.11 -1.17 21.03
CA GLN A 83 21.67 -1.94 22.16
C GLN A 83 20.49 -2.56 22.93
N TYR A 84 20.56 -3.86 23.18
CA TYR A 84 19.68 -4.59 24.11
C TYR A 84 20.20 -4.39 25.53
N VAL A 85 19.31 -4.04 26.45
CA VAL A 85 19.61 -3.93 27.90
C VAL A 85 18.60 -4.87 28.58
N GLY A 86 19.12 -5.83 29.35
CA GLY A 86 18.33 -6.85 30.05
C GLY A 86 17.82 -6.36 31.39
N GLY A 87 17.22 -7.24 32.20
CA GLY A 87 16.59 -6.89 33.49
C GLY A 87 15.08 -6.85 33.35
N ALA A 88 14.38 -6.57 34.45
CA ALA A 88 12.90 -6.63 34.50
C ALA A 88 12.32 -5.49 33.67
N GLU A 89 13.13 -4.46 33.36
CA GLU A 89 12.78 -3.35 32.43
C GLU A 89 13.58 -3.53 31.14
N ALA A 90 13.49 -4.73 30.52
CA ALA A 90 14.26 -5.08 29.32
C ALA A 90 13.91 -4.08 28.19
N ARG A 91 14.90 -3.72 27.39
CA ARG A 91 14.74 -2.64 26.39
C ARG A 91 15.65 -2.90 25.21
N ILE A 92 15.22 -2.51 24.01
CA ILE A 92 16.15 -2.25 22.88
C ILE A 92 16.05 -0.77 22.52
N ASN A 93 17.11 -0.02 22.84
CA ASN A 93 17.29 1.40 22.49
C ASN A 93 17.90 1.46 21.08
N THR A 94 17.24 2.15 20.17
CA THR A 94 17.68 2.26 18.75
C THR A 94 17.60 3.71 18.25
N GLN A 95 18.40 3.93 17.23
CA GLN A 95 18.26 5.06 16.27
CA GLN A 95 18.23 5.06 16.27
C GLN A 95 18.16 4.42 14.89
N TRP A 96 17.40 5.05 14.01
CA TRP A 96 17.15 4.46 12.68
C TRP A 96 17.41 5.46 11.58
N LEU A 97 17.69 4.89 10.40
CA LEU A 97 17.83 5.62 9.13
C LEU A 97 16.93 4.96 8.10
N LEU A 98 16.05 5.76 7.51
CA LEU A 98 15.18 5.33 6.40
C LEU A 98 15.64 6.00 5.08
N THR A 99 16.10 5.22 4.11
CA THR A 99 16.59 5.71 2.81
C THR A 99 15.56 5.31 1.78
N SER A 100 15.20 6.23 0.92
CA SER A 100 14.33 5.89 -0.26
C SER A 100 15.19 5.70 -1.50
N GLY A 101 14.86 4.70 -2.31
CA GLY A 101 15.68 4.31 -3.46
C GLY A 101 15.48 5.30 -4.58
N THR A 102 14.29 5.90 -4.62
CA THR A 102 13.74 6.50 -5.85
C THR A 102 14.38 7.89 -5.90
N THR A 103 14.56 8.42 -4.70
CA THR A 103 14.89 9.85 -4.47
C THR A 103 16.37 10.01 -4.85
N GLU A 104 16.67 10.99 -5.73
CA GLU A 104 18.05 11.51 -5.89
C GLU A 104 18.57 11.85 -4.48
N TYR A 105 19.74 11.26 -4.18
CA TYR A 105 20.28 10.99 -2.81
C TYR A 105 20.51 12.34 -2.12
N ASN A 106 21.14 13.28 -2.82
CA ASN A 106 21.39 14.66 -2.31
C ASN A 106 20.23 15.56 -2.77
N ALA A 107 18.99 15.05 -2.66
CA ALA A 107 17.74 15.85 -2.63
C ALA A 107 16.91 15.56 -1.36
N PHE A 108 15.85 16.36 -1.26
CA PHE A 108 14.76 16.38 -0.25
C PHE A 108 14.12 14.99 -0.15
N MET A 109 13.94 14.50 1.07
CA MET A 109 13.31 13.20 1.39
C MET A 109 14.23 12.07 0.90
N SER A 110 15.56 12.17 0.98
CA SER A 110 16.41 10.98 0.65
C SER A 110 16.53 10.08 1.88
N THR A 111 17.04 10.60 2.98
CA THR A 111 17.31 9.79 4.18
C THR A 111 16.67 10.45 5.41
N LEU A 112 15.78 9.74 6.10
CA LEU A 112 15.16 10.18 7.38
C LEU A 112 15.88 9.49 8.52
N VAL A 113 15.84 10.17 9.66
CA VAL A 113 16.43 9.64 10.91
C VAL A 113 15.36 9.79 12.00
N GLY A 114 15.40 8.86 12.93
CA GLY A 114 14.62 8.97 14.18
C GLY A 114 15.13 7.93 15.15
N HIS A 115 14.33 7.65 16.15
CA HIS A 115 14.73 6.75 17.26
C HIS A 115 13.49 5.91 17.64
N ASP A 116 13.73 4.72 18.15
CA ASP A 116 12.66 3.82 18.66
C ASP A 116 13.17 3.11 19.89
N THR A 117 12.36 3.07 20.94
CA THR A 117 12.56 2.23 22.14
C THR A 117 11.62 1.03 22.05
N PHE A 118 12.18 -0.17 22.10
CA PHE A 118 11.41 -1.45 22.12
C PHE A 118 11.40 -2.02 23.52
N THR A 119 10.23 -2.53 23.94
CA THR A 119 9.98 -3.11 25.27
C THR A 119 9.25 -4.45 25.02
N LYS A 120 9.27 -5.33 26.00
CA LYS A 120 8.61 -6.66 25.94
C LYS A 120 7.07 -6.55 26.01
N VAL A 121 6.51 -5.42 26.44
CA VAL A 121 5.02 -5.23 26.49
C VAL A 121 4.67 -3.91 25.81
N LYS A 122 3.47 -3.79 25.25
CA LYS A 122 3.08 -2.55 24.53
C LYS A 122 2.98 -1.42 25.55
N PRO A 123 2.98 -0.15 25.07
CA PRO A 123 2.50 0.97 25.87
C PRO A 123 0.97 1.05 25.82
CA ALA B 3 -22.30 -8.90 -25.93
CA GLY B 4 -23.31 -5.34 -24.77
CA ILE B 5 -21.76 -3.66 -21.64
CA THR B 6 -21.79 -6.81 -19.43
CA GLY B 7 -18.31 -8.45 -19.41
CA THR B 8 -14.63 -7.37 -19.34
CA TRP B 9 -13.22 -4.06 -20.72
CA TYR B 10 -9.53 -2.94 -20.95
CA ASN B 11 -8.25 0.70 -20.86
CA GLN B 12 -5.08 1.74 -22.75
CA LEU B 13 -2.80 1.77 -19.60
CA GLY B 14 -3.11 -1.92 -18.42
CA SER B 15 -6.28 -1.65 -16.22
CA THR B 16 -9.35 -4.00 -16.37
CA PHE B 17 -13.09 -3.20 -15.88
CA ILE B 18 -15.43 -6.16 -15.07
CA VAL B 19 -19.13 -5.09 -15.01
CA THR B 20 -22.70 -6.45 -15.11
CA ALA B 21 -25.36 -4.02 -16.48
CA GLY B 22 -28.67 -5.02 -14.73
CA ALA B 23 -32.07 -4.70 -16.55
CA ASP B 24 -32.84 -1.79 -14.11
CA GLY B 25 -29.83 0.51 -14.91
CA ALA B 26 -27.48 -0.86 -12.19
CA LEU B 27 -23.73 -1.14 -12.90
CA THR B 28 -21.82 -3.48 -10.51
CA GLY B 29 -18.46 -5.30 -10.68
CA THR B 30 -14.68 -4.89 -10.06
CA TYR B 31 -12.02 -2.39 -11.32
CA VAL B 32 -8.52 -4.00 -11.45
CA THR B 33 -5.49 -1.64 -11.82
CA ALA B 34 -2.41 -2.56 -13.96
CA ARG B 35 -0.87 -4.70 -11.11
CA GLY B 36 -3.28 -7.58 -12.00
CA ASN B 37 -3.27 -9.31 -8.52
CA ALA B 38 -5.86 -9.42 -5.64
CA GLU B 39 -4.44 -6.13 -4.11
CA SER B 40 -5.39 -4.27 -7.33
CA ARG B 41 -9.15 -5.17 -7.33
CA TYR B 42 -11.75 -2.55 -6.20
CA VAL B 43 -15.62 -2.62 -6.07
CA LEU B 44 -17.35 -0.42 -8.69
CA THR B 45 -21.03 0.67 -8.62
CA GLY B 46 -22.89 3.04 -10.95
CA ARG B 47 -25.83 3.62 -13.30
CA TYR B 48 -26.48 3.53 -17.09
CA ASP B 49 -29.32 4.47 -19.48
CA SER B 50 -31.26 1.14 -19.78
CA ALA B 51 -33.31 2.71 -22.70
CA PRO B 52 -30.85 4.55 -25.02
CA ALA B 53 -31.94 6.40 -28.25
CA THR B 54 -33.65 4.13 -30.85
CA ASP B 55 -31.26 5.15 -33.73
CA GLY B 56 -28.92 3.26 -31.33
CA SER B 57 -26.10 5.80 -30.65
CA GLY B 58 -24.25 6.13 -27.28
CA THR B 59 -25.47 4.55 -24.00
CA ALA B 60 -24.68 7.10 -21.22
CA LEU B 61 -23.23 5.60 -17.98
CA GLY B 62 -21.26 6.61 -14.87
CA TRP B 63 -19.62 4.58 -12.07
CA THR B 64 -17.58 5.11 -8.89
CA VAL B 65 -14.55 3.27 -7.46
CA ALA B 66 -13.68 4.18 -3.83
CA TRP B 67 -9.94 3.23 -3.62
CA LYS B 68 -10.35 0.95 -0.56
CA ASN B 69 -10.28 -2.90 -0.56
CA ASN B 70 -9.35 -5.66 1.96
CA TYR B 71 -5.61 -4.82 1.35
CA ARG B 72 -5.18 -1.00 0.98
CA ASN B 73 -6.99 2.41 1.29
CA ALA B 74 -6.00 5.53 -0.77
CA HIS B 75 -8.85 7.55 0.93
CA SER B 76 -10.16 8.69 -2.48
CA ALA B 77 -12.81 8.01 -5.15
CA THR B 78 -12.87 8.24 -8.96
CA THR B 79 -16.08 8.72 -10.97
CA TRP B 80 -16.09 7.88 -14.71
CA SER B 81 -18.77 9.60 -16.85
CA GLY B 82 -18.91 8.09 -20.39
CA GLN B 83 -20.83 6.49 -23.30
CA TYR B 84 -20.82 2.83 -24.48
CA VAL B 85 -20.80 2.64 -28.35
CA GLY B 86 -20.36 -1.07 -29.38
CA GLY B 87 -20.17 -2.79 -32.81
CA ALA B 88 -16.87 -3.34 -34.72
CA GLU B 89 -14.17 -2.22 -32.18
CA ALA B 90 -16.85 -1.67 -29.45
CA ARG B 91 -15.81 1.14 -27.03
CA ILE B 92 -16.53 2.92 -23.72
CA ASN B 93 -15.30 6.56 -24.07
CA THR B 94 -15.09 8.14 -20.54
CA GLN B 95 -13.77 11.18 -18.65
CA TRP B 96 -13.04 10.89 -14.90
CA LEU B 97 -12.74 12.90 -11.63
CA LEU B 98 -10.48 11.73 -8.73
CA THR B 99 -11.44 13.38 -5.35
CA SER B 100 -9.33 12.96 -2.17
CA GLY B 101 -10.83 13.32 1.36
CA THR B 102 -8.17 16.02 1.73
CA THR B 103 -6.98 17.96 4.85
CA GLU B 104 -9.82 20.52 4.90
CA TYR B 105 -7.10 23.31 5.02
CA ASN B 106 -6.26 22.41 1.34
CA ALA B 107 -9.83 21.08 0.56
CA PHE B 108 -9.37 23.10 -2.68
CA MET B 109 -6.82 21.35 -4.96
CA SER B 110 -9.03 18.30 -4.05
CA THR B 111 -9.88 16.77 -7.51
CA LEU B 112 -7.94 15.47 -10.60
CA VAL B 113 -9.45 15.02 -14.10
CA GLY B 114 -8.55 12.81 -17.10
CA HIS B 115 -10.00 10.38 -19.69
CA ASP B 116 -9.99 6.59 -20.36
CA THR B 117 -11.00 4.64 -23.54
CA PHE B 118 -12.10 1.02 -22.84
CA THR B 119 -12.00 -1.72 -25.54
CA LYS B 120 -13.23 -5.37 -25.37
CA VAL B 121 -9.64 -6.77 -25.93
CA LYS B 122 -6.05 -5.52 -25.31
CA PRO B 123 -3.85 -8.34 -23.81
N TRP C 3 4.69 11.95 1.98
CA TRP C 3 3.22 11.80 2.21
C TRP C 3 2.95 10.63 3.17
N SER C 4 3.28 9.41 2.74
CA SER C 4 2.91 8.13 3.40
C SER C 4 4.09 7.15 3.34
N HIS C 5 4.17 6.24 4.31
CA HIS C 5 5.17 5.16 4.41
C HIS C 5 4.77 4.17 5.49
N PRO C 6 4.82 2.84 5.20
CA PRO C 6 4.40 1.80 6.14
C PRO C 6 5.02 1.85 7.55
N GLN C 7 6.26 2.30 7.66
CA GLN C 7 6.94 2.39 8.98
C GLN C 7 6.14 3.27 9.96
N PHE C 8 5.33 4.22 9.48
CA PHE C 8 4.72 5.28 10.32
C PHE C 8 3.20 5.11 10.32
N GLU C 9 2.70 4.09 9.63
CA GLU C 9 1.24 3.85 9.51
C GLU C 9 0.60 3.69 10.87
N LYS C 10 -0.62 4.25 10.98
CA LYS C 10 -1.44 4.31 12.21
C LYS C 10 -2.01 2.92 12.45
CA TRP D 3 2.78 10.95 -3.71
CA SER D 4 1.28 8.08 -5.84
CA HIS D 5 -2.13 6.37 -6.53
CA PRO D 6 -3.41 2.79 -7.29
CA GLN D 7 -5.25 4.10 -10.44
CA PHE D 8 -1.90 4.91 -12.22
CA GLU D 9 0.75 2.51 -10.68
CA LYS D 10 2.15 0.34 -13.58
N NH2 E . -1.90 2.50 13.70
#